data_3CCG
#
_entry.id   3CCG
#
_cell.length_a   90.540
_cell.length_b   36.320
_cell.length_c   72.600
_cell.angle_alpha   90.000
_cell.angle_beta   125.460
_cell.angle_gamma   90.000
#
_symmetry.space_group_name_H-M   'C 1 2 1'
#
loop_
_entity.id
_entity.type
_entity.pdbx_description
1 polymer 'HD superfamily hydrolase'
2 non-polymer 'FE (III) ION'
3 non-polymer 'PHOSPHATE ION'
4 water water
#
_entity_poly.entity_id   1
_entity_poly.type   'polypeptide(L)'
_entity_poly.pdbx_seq_one_letter_code
;G(MSE)WSYDKITDYL(MSE)NNLGEKRYKHSLGV(MSE)DTAVRLAGIYNEDTEKARIAGLVHDCAKKLPGEKIIEICT
NEGYELGDEDIRNSYLLHGLAGRILAKKVIGIDDEDVLNAIEFHTTGRPN(MSE)SLLEKIIYIADYIEPGREFKGVDEL
RKAADEDLNKALL(MSE)SFDNTIKFVIDKGGFLHHNTIEARNYLISRKG
;
_entity_poly.pdbx_strand_id   A
#
# COMPACT_ATOMS: atom_id res chain seq x y z
N GLY A 1 7.30 21.81 -7.00
CA GLY A 1 6.23 21.26 -7.88
C GLY A 1 6.39 19.75 -7.99
N TRP A 3 7.34 16.13 -9.55
CA TRP A 3 8.30 15.61 -10.46
C TRP A 3 7.68 14.97 -11.68
N SER A 4 8.45 15.00 -12.78
CA SER A 4 8.08 14.33 -13.99
C SER A 4 8.07 12.82 -13.78
N TYR A 5 7.30 12.15 -14.59
N TYR A 5 7.31 12.06 -14.60
CA TYR A 5 7.26 10.71 -14.55
CA TYR A 5 7.32 10.57 -14.50
C TYR A 5 8.68 10.12 -14.63
C TYR A 5 8.70 9.96 -14.72
N ASP A 6 9.49 10.62 -15.57
CA ASP A 6 10.82 10.10 -15.81
C ASP A 6 11.76 10.31 -14.62
N LYS A 7 11.57 11.41 -13.94
CA LYS A 7 12.37 11.70 -12.73
C LYS A 7 11.97 10.70 -11.63
N ILE A 8 10.67 10.46 -11.52
CA ILE A 8 10.16 9.50 -10.55
C ILE A 8 10.68 8.10 -10.81
N THR A 9 10.66 7.66 -12.06
CA THR A 9 11.12 6.33 -12.37
C THR A 9 12.63 6.20 -12.06
N ASP A 10 13.39 7.26 -12.34
N ASP A 10 13.40 7.25 -12.33
CA ASP A 10 14.83 7.26 -12.05
CA ASP A 10 14.82 7.21 -12.05
C ASP A 10 15.03 7.06 -10.55
C ASP A 10 15.05 7.07 -10.55
N TYR A 11 14.28 7.84 -9.79
CA TYR A 11 14.36 7.81 -8.32
C TYR A 11 14.00 6.45 -7.80
N LEU A 12 12.92 5.87 -8.31
CA LEU A 12 12.48 4.54 -7.82
C LEU A 12 13.45 3.44 -8.20
N ASN A 14 16.64 3.71 -8.58
N ASN A 14 16.68 3.89 -8.55
CA ASN A 14 17.82 3.93 -7.75
CA ASN A 14 17.88 4.05 -7.73
C ASN A 14 17.63 3.47 -6.31
C ASN A 14 17.69 3.74 -6.26
N ASN A 15 16.44 3.74 -5.80
CA ASN A 15 16.13 3.50 -4.38
C ASN A 15 15.63 2.11 -4.10
N LEU A 16 14.94 1.52 -5.07
CA LEU A 16 14.31 0.23 -4.86
C LEU A 16 15.08 -0.94 -5.44
N GLY A 17 15.87 -0.70 -6.48
CA GLY A 17 16.58 -1.80 -7.14
C GLY A 17 15.66 -2.45 -8.16
N GLU A 18 16.23 -3.28 -9.01
CA GLU A 18 15.49 -3.86 -10.12
C GLU A 18 14.22 -4.63 -9.79
N LYS A 19 14.30 -5.56 -8.86
CA LYS A 19 13.18 -6.44 -8.58
C LYS A 19 11.99 -5.65 -8.02
N ARG A 20 12.27 -4.81 -7.02
CA ARG A 20 11.18 -4.06 -6.34
C ARG A 20 10.62 -2.95 -7.26
N TYR A 21 11.47 -2.39 -8.13
CA TYR A 21 11.01 -1.42 -9.13
C TYR A 21 10.07 -2.12 -10.11
N LYS A 22 10.44 -3.31 -10.55
CA LYS A 22 9.55 -4.07 -11.46
C LYS A 22 8.22 -4.35 -10.77
N HIS A 23 8.25 -4.77 -9.50
CA HIS A 23 7.01 -4.97 -8.67
C HIS A 23 6.15 -3.73 -8.74
N SER A 24 6.79 -2.57 -8.55
CA SER A 24 6.07 -1.29 -8.54
C SER A 24 5.41 -0.99 -9.87
N LEU A 25 6.07 -1.30 -10.96
CA LEU A 25 5.43 -1.11 -12.29
C LEU A 25 4.26 -2.05 -12.41
N GLY A 26 4.38 -3.25 -11.85
CA GLY A 26 3.26 -4.18 -11.86
C GLY A 26 2.08 -3.64 -11.07
N VAL A 27 2.39 -3.09 -9.91
CA VAL A 27 1.30 -2.52 -9.11
C VAL A 27 0.62 -1.36 -9.85
N ASP A 29 0.44 -0.85 -13.12
CA ASP A 29 -0.39 -1.39 -14.22
C ASP A 29 -1.70 -2.01 -13.68
N THR A 30 -1.58 -2.78 -12.60
CA THR A 30 -2.73 -3.41 -12.00
C THR A 30 -3.73 -2.40 -11.46
N ALA A 31 -3.22 -1.37 -10.79
CA ALA A 31 -4.05 -0.29 -10.28
C ALA A 31 -4.81 0.38 -11.42
N VAL A 32 -4.12 0.59 -12.54
CA VAL A 32 -4.76 1.21 -13.70
C VAL A 32 -5.85 0.30 -14.24
N ARG A 33 -5.56 -0.98 -14.31
CA ARG A 33 -6.55 -1.97 -14.81
C ARG A 33 -7.82 -1.96 -13.92
N LEU A 34 -7.60 -1.97 -12.60
CA LEU A 34 -8.72 -2.01 -11.69
C LEU A 34 -9.49 -0.70 -11.72
N ALA A 35 -8.78 0.40 -11.94
CA ALA A 35 -9.41 1.68 -12.06
C ALA A 35 -10.40 1.74 -13.21
N GLY A 36 -10.00 1.07 -14.28
CA GLY A 36 -10.87 0.96 -15.46
C GLY A 36 -12.13 0.20 -15.10
N ILE A 37 -12.00 -0.92 -14.40
CA ILE A 37 -13.14 -1.74 -13.99
C ILE A 37 -14.10 -0.97 -13.05
N TYR A 38 -13.55 -0.19 -12.12
CA TYR A 38 -14.34 0.44 -11.08
C TYR A 38 -14.59 1.94 -11.26
N ASN A 39 -14.16 2.48 -12.40
N ASN A 39 -14.15 2.45 -12.39
CA ASN A 39 -14.39 3.90 -12.70
CA ASN A 39 -14.31 3.85 -12.72
C ASN A 39 -13.62 4.88 -11.79
C ASN A 39 -13.65 4.81 -11.72
N GLU A 40 -12.41 4.48 -11.39
CA GLU A 40 -11.56 5.34 -10.62
C GLU A 40 -10.66 6.10 -11.65
N ASP A 41 -10.21 7.25 -11.24
CA ASP A 41 -9.30 8.07 -12.06
C ASP A 41 -8.05 7.31 -12.41
N THR A 42 -7.72 7.20 -13.69
CA THR A 42 -6.61 6.33 -14.05
C THR A 42 -5.25 6.90 -13.66
N GLU A 43 -5.11 8.21 -13.67
CA GLU A 43 -3.81 8.80 -13.35
C GLU A 43 -3.58 8.75 -11.84
N LYS A 44 -4.61 8.96 -11.05
CA LYS A 44 -4.47 8.76 -9.58
C LYS A 44 -4.00 7.32 -9.30
N ALA A 45 -4.62 6.34 -9.98
CA ALA A 45 -4.27 4.95 -9.82
C ALA A 45 -2.81 4.72 -10.25
N ARG A 46 -2.46 5.24 -11.43
N ARG A 46 -2.50 5.32 -11.39
CA ARG A 46 -1.08 5.07 -11.95
CA ARG A 46 -1.17 5.20 -11.95
C ARG A 46 -0.01 5.66 -11.01
C ARG A 46 -0.11 5.63 -10.97
N ILE A 47 -0.21 6.88 -10.53
CA ILE A 47 0.83 7.49 -9.67
C ILE A 47 0.87 6.81 -8.30
N ALA A 48 -0.29 6.57 -7.70
CA ALA A 48 -0.27 5.93 -6.40
C ALA A 48 0.35 4.56 -6.51
N GLY A 49 0.01 3.78 -7.55
CA GLY A 49 0.57 2.45 -7.70
C GLY A 49 2.08 2.49 -7.95
N LEU A 50 2.50 3.45 -8.79
CA LEU A 50 3.90 3.58 -9.09
C LEU A 50 4.75 3.89 -7.84
N VAL A 51 4.28 4.80 -7.01
CA VAL A 51 5.12 5.30 -5.91
C VAL A 51 4.82 4.71 -4.55
N HIS A 52 3.90 3.78 -4.48
CA HIS A 52 3.39 3.29 -3.18
C HIS A 52 4.51 2.75 -2.30
N ASP A 53 5.54 2.15 -2.89
CA ASP A 53 6.61 1.48 -2.12
C ASP A 53 7.88 2.37 -2.14
N CYS A 54 7.75 3.66 -2.38
CA CYS A 54 8.93 4.51 -2.49
C CYS A 54 9.87 4.47 -1.24
N ALA A 55 9.30 4.15 -0.07
CA ALA A 55 10.07 4.12 1.21
C ALA A 55 10.37 2.69 1.63
N LYS A 56 10.05 1.73 0.77
CA LYS A 56 10.18 0.30 1.13
C LYS A 56 11.59 -0.16 1.52
N LYS A 57 12.59 0.39 0.89
CA LYS A 57 13.96 -0.06 1.11
C LYS A 57 14.72 0.72 2.17
N LEU A 58 14.01 1.46 2.99
CA LEU A 58 14.66 2.16 4.10
C LEU A 58 14.68 1.30 5.34
N PRO A 59 15.72 1.47 6.20
CA PRO A 59 15.71 0.72 7.45
C PRO A 59 14.58 1.17 8.34
N GLY A 60 14.05 0.32 9.18
CA GLY A 60 12.94 0.66 10.08
C GLY A 60 13.24 1.89 10.95
N GLU A 61 14.46 1.95 11.44
CA GLU A 61 14.85 3.09 12.30
C GLU A 61 14.69 4.40 11.51
N LYS A 62 15.10 4.39 10.24
CA LYS A 62 15.01 5.61 9.40
C LYS A 62 13.55 5.90 9.09
N ILE A 63 12.78 4.89 8.82
CA ILE A 63 11.31 5.06 8.58
C ILE A 63 10.70 5.78 9.81
N ILE A 64 11.03 5.28 11.00
CA ILE A 64 10.50 5.87 12.21
C ILE A 64 10.94 7.32 12.34
N GLU A 65 12.21 7.57 12.06
N GLU A 65 12.21 7.56 12.06
CA GLU A 65 12.76 8.92 12.12
CA GLU A 65 12.77 8.91 12.08
C GLU A 65 12.10 9.92 11.13
C GLU A 65 11.95 9.85 11.18
N ILE A 66 11.80 9.44 9.93
CA ILE A 66 11.12 10.28 8.94
C ILE A 66 9.72 10.60 9.42
N CYS A 67 8.97 9.65 9.94
CA CYS A 67 7.62 9.87 10.35
C CYS A 67 7.59 10.83 11.57
N THR A 68 8.48 10.57 12.51
CA THR A 68 8.57 11.37 13.74
C THR A 68 8.97 12.81 13.44
N ASN A 69 9.97 13.00 12.60
CA ASN A 69 10.48 14.33 12.24
C ASN A 69 9.39 15.16 11.58
N GLU A 70 8.51 14.54 10.79
CA GLU A 70 7.49 15.26 10.05
C GLU A 70 6.26 15.49 10.90
N GLY A 71 6.25 15.06 12.15
CA GLY A 71 5.17 15.40 13.06
C GLY A 71 4.18 14.33 13.40
N TYR A 72 4.35 13.13 12.84
CA TYR A 72 3.44 12.05 13.18
C TYR A 72 3.79 11.44 14.51
N GLU A 73 2.78 11.25 15.32
CA GLU A 73 2.95 10.62 16.63
C GLU A 73 2.85 9.10 16.45
N LEU A 74 3.92 8.42 16.81
CA LEU A 74 3.93 6.98 16.75
C LEU A 74 3.99 6.41 18.16
N GLY A 75 3.15 5.42 18.38
CA GLY A 75 3.12 4.67 19.62
C GLY A 75 3.99 3.44 19.57
N ASP A 76 4.14 2.80 20.72
CA ASP A 76 4.95 1.61 20.81
C ASP A 76 4.37 0.53 19.87
N GLU A 77 3.06 0.53 19.69
CA GLU A 77 2.42 -0.45 18.83
C GLU A 77 2.77 -0.21 17.36
N ASP A 78 3.06 1.03 17.00
CA ASP A 78 3.50 1.34 15.61
C ASP A 78 4.98 1.04 15.40
N ILE A 79 5.75 1.21 16.44
CA ILE A 79 7.18 1.06 16.36
C ILE A 79 7.59 -0.39 16.36
N ARG A 80 6.82 -1.25 17.04
N ARG A 80 6.71 -1.17 16.99
CA ARG A 80 7.22 -2.65 17.19
CA ARG A 80 6.86 -2.58 17.22
C ARG A 80 7.14 -3.45 15.91
C ARG A 80 7.20 -3.26 15.92
N ASN A 81 6.36 -2.98 14.94
CA ASN A 81 6.44 -3.61 13.61
C ASN A 81 6.76 -2.52 12.58
N SER A 82 8.01 -2.09 12.60
CA SER A 82 8.37 -0.86 11.87
C SER A 82 8.31 -1.02 10.38
N TYR A 83 8.33 -2.27 9.95
N TYR A 83 8.35 -2.21 9.91
CA TYR A 83 8.19 -2.74 8.53
CA TYR A 83 8.33 -2.30 8.49
C TYR A 83 7.01 -1.97 7.98
C TYR A 83 7.01 -1.88 7.96
N LEU A 84 5.93 -2.11 8.72
CA LEU A 84 4.62 -1.67 8.26
C LEU A 84 4.58 -0.16 8.16
CA LEU A 85 5.44 1.97 8.54
C LEU A 85 5.93 2.54 7.25
N HIS A 86 6.39 1.69 6.32
CA HIS A 86 6.84 2.22 5.03
C HIS A 86 5.68 2.87 4.25
N GLY A 87 4.44 2.52 4.54
CA GLY A 87 3.33 3.26 3.89
C GLY A 87 3.35 4.76 4.28
N LEU A 88 3.40 5.03 5.58
CA LEU A 88 3.38 6.45 6.07
C LEU A 88 4.63 7.12 5.62
N ALA A 89 5.80 6.48 5.68
CA ALA A 89 7.07 7.13 5.26
C ALA A 89 6.95 7.43 3.76
N GLY A 90 6.35 6.51 3.02
CA GLY A 90 6.15 6.71 1.58
C GLY A 90 5.23 7.86 1.28
N ARG A 91 4.18 8.02 2.08
CA ARG A 91 3.32 9.20 1.93
C ARG A 91 4.11 10.47 2.11
N ILE A 92 4.96 10.47 3.13
CA ILE A 92 5.79 11.65 3.42
C ILE A 92 6.76 11.95 2.29
N LEU A 93 7.42 10.93 1.78
CA LEU A 93 8.34 11.15 0.67
C LEU A 93 7.55 11.62 -0.58
N ALA A 94 6.43 10.99 -0.86
CA ALA A 94 5.61 11.34 -2.04
C ALA A 94 5.23 12.84 -1.96
N LYS A 95 4.82 13.30 -0.79
CA LYS A 95 4.45 14.72 -0.60
C LYS A 95 5.63 15.66 -0.62
N LYS A 96 6.66 15.37 0.19
CA LYS A 96 7.72 16.33 0.42
C LYS A 96 8.86 16.27 -0.55
N VAL A 97 9.09 15.11 -1.14
CA VAL A 97 10.19 14.93 -2.06
C VAL A 97 9.69 14.94 -3.52
N ILE A 98 8.68 14.13 -3.79
CA ILE A 98 8.17 13.98 -5.17
C ILE A 98 7.20 15.12 -5.54
N GLY A 99 6.59 15.75 -4.55
CA GLY A 99 5.66 16.83 -4.79
C GLY A 99 4.24 16.46 -5.12
N ILE A 100 3.80 15.29 -4.70
CA ILE A 100 2.44 14.81 -4.88
C ILE A 100 1.55 15.38 -3.79
N ASP A 101 0.52 16.15 -4.17
CA ASP A 101 -0.39 16.76 -3.19
C ASP A 101 -1.77 16.15 -3.07
N ASP A 102 -2.16 15.31 -4.03
CA ASP A 102 -3.49 14.75 -4.04
C ASP A 102 -3.74 13.93 -2.79
N GLU A 103 -4.75 14.35 -2.04
N GLU A 103 -4.74 14.35 -2.01
CA GLU A 103 -5.02 13.73 -0.73
CA GLU A 103 -4.99 13.71 -0.71
C GLU A 103 -5.34 12.24 -0.82
C GLU A 103 -5.36 12.23 -0.80
N ASP A 104 -6.10 11.86 -1.84
CA ASP A 104 -6.52 10.47 -2.03
C ASP A 104 -5.29 9.62 -2.36
N VAL A 105 -4.46 10.08 -3.27
CA VAL A 105 -3.19 9.37 -3.59
C VAL A 105 -2.37 9.20 -2.35
N LEU A 106 -2.20 10.25 -1.58
CA LEU A 106 -1.37 10.15 -0.37
C LEU A 106 -1.97 9.11 0.61
N ASN A 107 -3.29 9.13 0.81
CA ASN A 107 -3.92 8.13 1.67
C ASN A 107 -3.68 6.69 1.15
N ALA A 108 -3.82 6.51 -0.16
CA ALA A 108 -3.67 5.19 -0.76
C ALA A 108 -2.25 4.65 -0.48
N ILE A 109 -1.24 5.53 -0.56
CA ILE A 109 0.13 5.14 -0.27
C ILE A 109 0.25 4.85 1.25
N GLU A 110 -0.24 5.76 2.07
CA GLU A 110 -0.12 5.61 3.51
C GLU A 110 -0.68 4.29 4.03
N PHE A 111 -1.85 3.90 3.57
CA PHE A 111 -2.57 2.76 4.15
C PHE A 111 -2.49 1.49 3.36
N HIS A 112 -1.55 1.45 2.42
CA HIS A 112 -1.48 0.26 1.62
C HIS A 112 -0.94 -0.96 2.35
N THR A 113 -0.25 -0.77 3.44
CA THR A 113 0.41 -1.92 4.16
C THR A 113 -0.55 -2.63 5.11
N THR A 114 -1.54 -1.90 5.63
CA THR A 114 -2.49 -2.43 6.59
C THR A 114 -3.96 -2.32 6.26
N GLY A 115 -4.32 -1.38 5.42
CA GLY A 115 -5.69 -1.02 5.23
C GLY A 115 -6.13 -0.17 6.43
N ARG A 116 -7.39 0.24 6.41
CA ARG A 116 -7.97 0.98 7.52
C ARG A 116 -9.46 1.00 7.36
N PRO A 117 -10.18 1.45 8.39
CA PRO A 117 -11.59 1.60 8.13
C PRO A 117 -11.90 2.70 7.14
N ASN A 118 -13.00 2.52 6.43
CA ASN A 118 -13.52 3.51 5.50
C ASN A 118 -12.51 4.02 4.46
N SER A 120 -11.14 4.75 0.70
CA SER A 120 -11.63 5.18 -0.59
C SER A 120 -11.45 4.05 -1.60
N LEU A 121 -12.13 4.20 -2.73
CA LEU A 121 -11.98 3.29 -3.81
C LEU A 121 -10.49 3.20 -4.22
N LEU A 122 -9.79 4.35 -4.30
CA LEU A 122 -8.35 4.35 -4.69
C LEU A 122 -7.53 3.58 -3.65
N GLU A 123 -7.79 3.84 -2.37
CA GLU A 123 -7.06 3.14 -1.31
C GLU A 123 -7.23 1.62 -1.45
N LYS A 124 -8.47 1.16 -1.74
CA LYS A 124 -8.74 -0.24 -1.90
C LYS A 124 -7.96 -0.86 -3.09
N ILE A 125 -8.02 -0.13 -4.22
CA ILE A 125 -7.35 -0.55 -5.45
C ILE A 125 -5.82 -0.73 -5.20
N ILE A 126 -5.20 0.24 -4.49
CA ILE A 126 -3.74 0.20 -4.29
C ILE A 126 -3.40 -0.95 -3.33
N TYR A 127 -4.19 -1.06 -2.28
CA TYR A 127 -4.00 -2.14 -1.31
C TYR A 127 -4.05 -3.53 -2.00
N ILE A 128 -5.08 -3.76 -2.79
CA ILE A 128 -5.23 -5.09 -3.39
C ILE A 128 -4.27 -5.33 -4.56
N ALA A 129 -3.94 -4.24 -5.25
CA ALA A 129 -3.01 -4.35 -6.39
C ALA A 129 -1.69 -4.91 -5.97
N ASP A 130 -1.26 -4.57 -4.75
CA ASP A 130 -0.01 -5.08 -4.26
C ASP A 130 0.01 -6.65 -4.20
N TYR A 131 -1.13 -7.22 -3.83
CA TYR A 131 -1.32 -8.68 -3.72
C TYR A 131 -1.53 -9.41 -5.05
N ILE A 132 -2.16 -8.76 -6.01
CA ILE A 132 -2.55 -9.46 -7.22
C ILE A 132 -1.79 -9.08 -8.51
N GLU A 133 -0.78 -8.19 -8.40
CA GLU A 133 0.01 -7.76 -9.56
C GLU A 133 0.63 -9.02 -10.16
N PRO A 134 0.79 -9.01 -11.47
CA PRO A 134 1.13 -10.22 -12.24
C PRO A 134 2.38 -10.93 -11.82
N GLY A 135 3.29 -10.20 -11.23
CA GLY A 135 4.55 -10.76 -10.78
C GLY A 135 4.41 -11.55 -9.50
N ARG A 136 3.22 -11.56 -8.91
CA ARG A 136 3.02 -12.33 -7.69
C ARG A 136 2.51 -13.75 -7.96
N GLU A 137 2.92 -14.63 -7.07
CA GLU A 137 2.66 -16.04 -7.15
C GLU A 137 2.66 -16.65 -5.74
N PHE A 138 1.48 -17.04 -5.29
CA PHE A 138 1.29 -17.67 -3.97
C PHE A 138 -0.03 -18.41 -3.93
N LYS A 139 -0.18 -19.29 -2.95
CA LYS A 139 -1.40 -20.08 -2.82
C LYS A 139 -2.63 -19.17 -2.68
N GLY A 140 -3.54 -19.28 -3.65
CA GLY A 140 -4.78 -18.52 -3.64
C GLY A 140 -4.77 -17.17 -4.35
N VAL A 141 -3.66 -16.86 -5.01
CA VAL A 141 -3.53 -15.55 -5.70
C VAL A 141 -4.61 -15.44 -6.77
N ASP A 142 -5.05 -16.59 -7.25
CA ASP A 142 -6.02 -16.66 -8.35
C ASP A 142 -7.42 -16.29 -7.91
N GLU A 143 -7.84 -16.76 -6.74
CA GLU A 143 -9.19 -16.48 -6.26
C GLU A 143 -9.26 -15.03 -5.88
N LEU A 144 -8.12 -14.56 -5.41
CA LEU A 144 -8.00 -13.18 -4.98
C LEU A 144 -8.13 -12.27 -6.21
N ARG A 145 -7.46 -12.66 -7.28
CA ARG A 145 -7.55 -11.92 -8.56
C ARG A 145 -8.98 -11.93 -9.10
N LYS A 146 -9.64 -13.07 -9.03
CA LYS A 146 -11.04 -13.16 -9.48
C LYS A 146 -11.94 -12.26 -8.66
N ALA A 147 -11.79 -12.33 -7.34
CA ALA A 147 -12.61 -11.54 -6.44
C ALA A 147 -12.37 -10.05 -6.65
N ALA A 148 -11.11 -9.69 -6.88
CA ALA A 148 -10.80 -8.27 -7.06
C ALA A 148 -11.48 -7.73 -8.31
N ASP A 149 -11.56 -8.57 -9.35
CA ASP A 149 -12.21 -8.13 -10.58
C ASP A 149 -13.72 -7.93 -10.46
N GLU A 150 -14.34 -8.62 -9.51
CA GLU A 150 -15.81 -8.62 -9.35
C GLU A 150 -16.38 -7.95 -8.12
N ASP A 151 -15.68 -8.12 -7.01
CA ASP A 151 -16.17 -7.68 -5.72
C ASP A 151 -14.96 -7.33 -4.83
N LEU A 152 -14.56 -6.10 -5.00
CA LEU A 152 -13.40 -5.54 -4.36
C LEU A 152 -13.45 -5.71 -2.83
N ASN A 153 -14.60 -5.42 -2.22
CA ASN A 153 -14.73 -5.57 -0.77
C ASN A 153 -14.52 -7.03 -0.33
N LYS A 154 -15.04 -7.96 -1.14
CA LYS A 154 -14.82 -9.35 -0.85
C LYS A 154 -13.32 -9.68 -0.87
N ALA A 155 -12.63 -9.17 -1.89
CA ALA A 155 -11.22 -9.43 -2.04
C ALA A 155 -10.44 -8.91 -0.81
N LEU A 156 -10.74 -7.70 -0.38
N LEU A 156 -10.80 -7.69 -0.40
CA LEU A 156 -10.03 -7.15 0.78
CA LEU A 156 -10.16 -7.04 0.77
C LEU A 156 -10.27 -8.03 2.00
C LEU A 156 -10.33 -7.87 2.03
N LEU A 157 -11.53 -8.38 2.21
CA LEU A 157 -11.89 -9.23 3.35
C LEU A 157 -11.10 -10.53 3.32
N SER A 159 -8.26 -11.00 1.93
CA SER A 159 -6.86 -10.67 2.22
C SER A 159 -6.57 -10.44 3.72
N PHE A 160 -7.48 -9.69 4.35
CA PHE A 160 -7.36 -9.39 5.79
C PHE A 160 -7.42 -10.70 6.59
N ASP A 161 -8.36 -11.55 6.24
CA ASP A 161 -8.50 -12.85 6.92
C ASP A 161 -7.23 -13.66 6.79
N ASN A 162 -6.70 -13.72 5.57
N ASN A 162 -6.68 -13.72 5.58
CA ASN A 162 -5.47 -14.46 5.34
CA ASN A 162 -5.46 -14.49 5.38
C ASN A 162 -4.30 -13.92 6.15
C ASN A 162 -4.29 -13.91 6.16
N THR A 163 -4.17 -12.59 6.15
CA THR A 163 -3.11 -11.95 6.89
C THR A 163 -3.18 -12.28 8.39
N ILE A 164 -4.38 -12.17 8.95
CA ILE A 164 -4.55 -12.36 10.38
C ILE A 164 -4.22 -13.80 10.75
N LYS A 165 -4.71 -14.74 9.95
CA LYS A 165 -4.43 -16.19 10.23
C LYS A 165 -2.93 -16.46 10.11
N PHE A 166 -2.29 -15.83 9.11
CA PHE A 166 -0.87 -16.04 8.90
C PHE A 166 -0.04 -15.52 10.05
N VAL A 167 -0.37 -14.32 10.51
CA VAL A 167 0.35 -13.73 11.63
C VAL A 167 0.17 -14.60 12.89
N ILE A 168 -1.06 -15.09 13.10
CA ILE A 168 -1.35 -15.95 14.28
C ILE A 168 -0.44 -17.18 14.19
N ASP A 169 -0.42 -17.77 13.00
N ASP A 169 -0.41 -17.80 13.03
CA ASP A 169 0.37 -18.98 12.73
CA ASP A 169 0.41 -19.00 12.85
C ASP A 169 1.86 -18.78 12.99
C ASP A 169 1.87 -18.73 13.15
N LYS A 170 2.33 -17.56 12.72
CA LYS A 170 3.74 -17.19 12.90
C LYS A 170 4.03 -16.56 14.24
N GLY A 171 2.99 -16.32 15.04
CA GLY A 171 3.19 -15.72 16.37
C GLY A 171 3.55 -14.25 16.40
N GLY A 172 3.15 -13.54 15.35
CA GLY A 172 3.49 -12.13 15.29
C GLY A 172 2.43 -11.19 15.85
N PHE A 173 2.73 -9.91 15.77
CA PHE A 173 1.82 -8.88 16.24
C PHE A 173 0.74 -8.57 15.21
N LEU A 174 -0.47 -8.27 15.68
CA LEU A 174 -1.56 -7.87 14.80
C LEU A 174 -1.81 -6.38 14.92
N HIS A 175 -1.77 -5.67 13.79
CA HIS A 175 -1.93 -4.23 13.77
C HIS A 175 -3.40 -3.83 13.82
N HIS A 176 -3.72 -2.87 14.68
CA HIS A 176 -5.11 -2.45 14.87
C HIS A 176 -5.77 -1.98 13.59
N ASN A 177 -5.00 -1.38 12.68
CA ASN A 177 -5.62 -0.88 11.45
C ASN A 177 -6.22 -1.99 10.58
N THR A 178 -5.54 -3.12 10.59
CA THR A 178 -5.99 -4.25 9.80
C THR A 178 -7.27 -4.86 10.44
N ILE A 179 -7.23 -4.92 11.78
CA ILE A 179 -8.39 -5.47 12.51
C ILE A 179 -9.61 -4.55 12.29
N GLU A 180 -9.36 -3.27 12.44
CA GLU A 180 -10.42 -2.24 12.31
C GLU A 180 -10.94 -2.14 10.86
N ALA A 181 -10.02 -2.33 9.91
CA ALA A 181 -10.40 -2.35 8.51
C ALA A 181 -11.37 -3.50 8.21
N ARG A 182 -11.03 -4.67 8.71
CA ARG A 182 -11.85 -5.85 8.54
C ARG A 182 -13.22 -5.66 9.22
N ASN A 183 -13.23 -5.18 10.46
CA ASN A 183 -14.50 -4.99 11.16
C ASN A 183 -15.40 -4.07 10.37
N TYR A 184 -14.82 -2.99 9.85
CA TYR A 184 -15.57 -1.99 9.10
C TYR A 184 -16.23 -2.62 7.86
N LEU A 185 -15.52 -3.48 7.15
CA LEU A 185 -16.09 -4.17 5.96
C LEU A 185 -17.19 -5.13 6.39
N ILE A 186 -17.00 -5.82 7.50
CA ILE A 186 -18.03 -6.75 7.94
C ILE A 186 -19.30 -5.99 8.28
N SER A 187 -19.16 -4.81 8.88
CA SER A 187 -20.31 -4.04 9.33
C SER A 187 -21.06 -3.34 8.20
N ARG A 188 -20.44 -3.28 7.03
CA ARG A 188 -21.03 -2.61 5.86
C ARG A 188 -21.57 -3.67 4.91
N LYS A 189 -21.24 -4.90 5.25
CA LYS A 189 -21.59 -6.06 4.44
C LYS A 189 -22.88 -6.68 4.93
#